data_8P7V
#
_entry.id   8P7V
#
_cell.length_a   69.700
_cell.length_b   69.700
_cell.length_c   186.479
_cell.angle_alpha   90.00
_cell.angle_beta   90.00
_cell.angle_gamma   90.00
#
_symmetry.space_group_name_H-M   'P 43 21 2'
#
loop_
_entity.id
_entity.type
_entity.pdbx_description
1 polymer 'Parathion hydrolase'
2 non-polymer 1,2-ETHANEDIOL
3 non-polymer 'FORMIC ACID'
4 non-polymer 'ZINC ION'
5 non-polymer 1-ethyl-1-methyl-cyclohexane
6 non-polymer 'METHYLPHOSPHONIC ACID ESTER GROUP'
7 non-polymer GLYCEROL
8 non-polymer 'SULFATE ION'
9 water water
#
_entity_poly.entity_id   1
_entity_poly.type   'polypeptide(L)'
_entity_poly.pdbx_seq_one_letter_code
;GDRINTVRGPITISEAGFTLTHEHICGSSAGFLRAWPEFFGSRAALVEKAVRGLRRARAAGVRTIVDVSTFDIGRDVSLL
AEVSRAADVHIVAATGLWEDPPLSMRLRSVEELTQFFLREIQYGIEDTGIRAGIIKVATNGKATPFQELVLRAAARASLA
TGVPVTTHTLASQRDGEQQAAIFESEGLSPSRVCIGHSDDTDDLSYLTALAARGYLIGLDGIPHSAIGLEDNASASALLG
NRSWQTRALLIKALIDQGYMKQILVSNDWLFGFSSYVTNIMDVMDSVNPDGMAFIPLRVIPFLREKGVSNETLAGITVTN
PARFLSPTLRA
;
_entity_poly.pdbx_strand_id   A
#
loop_
_chem_comp.id
_chem_comp.type
_chem_comp.name
_chem_comp.formula
E8N non-polymer 1-ethyl-1-methyl-cyclohexane 'C9 H18'
EDO non-polymer 1,2-ETHANEDIOL 'C2 H6 O2'
FMT non-polymer 'FORMIC ACID' 'C H2 O2'
GB non-polymer 'METHYLPHOSPHONIC ACID ESTER GROUP' 'C H5 O3 P'
GOL non-polymer GLYCEROL 'C3 H8 O3'
SO4 non-polymer 'SULFATE ION' 'O4 S -2'
ZN non-polymer 'ZINC ION' 'Zn 2'
#
# COMPACT_ATOMS: atom_id res chain seq x y z
N ASP A 2 -20.86 -10.03 -1.55
CA ASP A 2 -19.62 -9.40 -1.09
C ASP A 2 -18.88 -8.75 -2.24
N ARG A 3 -18.55 -7.46 -2.11
CA ARG A 3 -17.93 -6.72 -3.19
C ARG A 3 -16.83 -5.81 -2.64
N ILE A 4 -15.81 -5.60 -3.47
CA ILE A 4 -14.72 -4.67 -3.18
C ILE A 4 -14.85 -3.49 -4.12
N ASN A 5 -14.81 -2.27 -3.58
CA ASN A 5 -14.89 -1.10 -4.43
C ASN A 5 -13.57 -0.85 -5.15
N THR A 6 -13.64 -0.66 -6.47
CA THR A 6 -12.51 -0.25 -7.30
C THR A 6 -12.83 1.08 -7.96
N VAL A 7 -11.85 1.63 -8.69
CA VAL A 7 -12.07 2.92 -9.35
C VAL A 7 -12.99 2.81 -10.54
N ARG A 8 -13.36 1.59 -10.94
CA ARG A 8 -14.36 1.36 -11.98
C ARG A 8 -15.61 0.68 -11.45
N GLY A 9 -15.81 0.64 -10.13
CA GLY A 9 -17.01 0.10 -9.55
C GLY A 9 -16.75 -1.13 -8.72
N PRO A 10 -17.82 -1.73 -8.18
CA PRO A 10 -17.66 -2.92 -7.34
C PRO A 10 -17.22 -4.13 -8.16
N ILE A 11 -16.37 -4.95 -7.56
CA ILE A 11 -15.98 -6.22 -8.16
C ILE A 11 -16.20 -7.31 -7.12
N THR A 12 -16.40 -8.53 -7.60
CA THR A 12 -16.54 -9.65 -6.69
C THR A 12 -15.18 -10.06 -6.15
N ILE A 13 -15.21 -10.81 -5.05
CA ILE A 13 -13.97 -11.27 -4.43
C ILE A 13 -13.19 -12.14 -5.42
N SER A 14 -13.90 -12.97 -6.19
CA SER A 14 -13.27 -13.82 -7.17
C SER A 14 -12.58 -13.02 -8.27
N GLU A 15 -13.12 -11.84 -8.62
CA GLU A 15 -12.53 -11.05 -9.69
C GLU A 15 -11.20 -10.40 -9.29
N ALA A 16 -10.93 -10.25 -7.99
CA ALA A 16 -9.71 -9.56 -7.59
C ALA A 16 -8.47 -10.33 -8.03
N GLY A 17 -8.46 -11.65 -7.87
CA GLY A 17 -7.32 -12.41 -8.34
C GLY A 17 -6.02 -12.02 -7.64
N PHE A 18 -4.91 -12.26 -8.35
CA PHE A 18 -3.58 -11.90 -7.86
C PHE A 18 -3.53 -10.40 -7.57
N THR A 19 -3.30 -10.03 -6.31
CA THR A 19 -3.45 -8.64 -5.88
C THR A 19 -2.19 -8.14 -5.20
N LEU A 20 -1.68 -7.01 -5.68
CA LEU A 20 -0.60 -6.28 -5.02
C LEU A 20 -1.25 -5.27 -4.07
N THR A 21 -0.95 -5.37 -2.78
CA THR A 21 -1.73 -4.67 -1.77
C THR A 21 -1.14 -3.31 -1.35
N HIS A 22 0.02 -2.91 -1.87
CA HIS A 22 0.57 -1.60 -1.55
C HIS A 22 1.35 -1.09 -2.77
N GLU A 23 0.71 -0.23 -3.56
CA GLU A 23 1.29 0.30 -4.78
C GLU A 23 0.82 1.74 -4.96
N HIS A 24 1.39 2.43 -5.94
CA HIS A 24 1.00 3.80 -6.28
C HIS A 24 1.07 3.98 -7.79
N ILE A 25 0.05 4.58 -8.39
CA ILE A 25 0.25 5.08 -9.74
C ILE A 25 1.24 6.24 -9.71
N CYS A 26 1.06 7.15 -8.75
CA CYS A 26 1.89 8.34 -8.64
C CYS A 26 2.01 8.75 -7.18
N GLY A 27 3.25 8.95 -6.71
CA GLY A 27 3.47 9.47 -5.38
C GLY A 27 3.69 10.95 -5.45
N SER A 28 2.70 11.74 -5.05
CA SER A 28 2.78 13.18 -5.29
C SER A 28 2.19 13.94 -4.12
N SER A 29 1.51 15.05 -4.38
CA SER A 29 0.93 15.88 -3.34
C SER A 29 -0.41 16.39 -3.85
N ALA A 30 -1.32 16.74 -2.92
CA ALA A 30 -2.65 17.17 -3.33
C ALA A 30 -2.56 18.36 -4.28
N GLY A 31 -3.24 18.26 -5.43
CA GLY A 31 -3.27 19.34 -6.40
C GLY A 31 -2.05 19.48 -7.29
N PHE A 32 -0.98 18.72 -7.01
CA PHE A 32 0.29 18.95 -7.69
C PHE A 32 0.25 18.55 -9.16
N LEU A 33 -0.33 17.39 -9.47
CA LEU A 33 -0.39 16.95 -10.86
C LEU A 33 -1.22 17.92 -11.71
N ARG A 34 -2.30 18.47 -11.14
CA ARG A 34 -3.11 19.46 -11.85
C ARG A 34 -2.33 20.75 -12.09
N ALA A 35 -1.57 21.20 -11.10
CA ALA A 35 -0.95 22.51 -11.20
C ALA A 35 0.39 22.48 -11.94
N TRP A 36 1.07 21.33 -11.98
CA TRP A 36 2.42 21.29 -12.54
C TRP A 36 2.64 19.97 -13.27
N PRO A 37 1.81 19.64 -14.27
CA PRO A 37 1.97 18.34 -14.94
C PRO A 37 3.29 18.22 -15.66
N GLU A 38 3.91 19.35 -16.05
CA GLU A 38 5.21 19.29 -16.72
C GLU A 38 6.28 18.67 -15.85
N PHE A 39 6.09 18.65 -14.53
CA PHE A 39 7.07 17.98 -13.67
C PHE A 39 7.24 16.52 -14.06
N PHE A 40 6.18 15.90 -14.57
CA PHE A 40 6.19 14.51 -15.00
C PHE A 40 6.38 14.38 -16.50
N GLY A 41 6.93 15.42 -17.14
CA GLY A 41 6.95 15.49 -18.59
C GLY A 41 5.64 16.06 -19.06
N SER A 42 4.59 15.26 -18.92
CA SER A 42 3.21 15.65 -19.18
C SER A 42 2.32 14.66 -18.46
N ARG A 43 1.05 15.05 -18.27
CA ARG A 43 0.08 14.10 -17.75
C ARG A 43 -0.04 12.89 -18.66
N ALA A 44 -0.07 13.12 -19.98
CA ALA A 44 -0.19 12.00 -20.91
C ALA A 44 1.00 11.06 -20.81
N ALA A 45 2.19 11.60 -20.60
CA ALA A 45 3.38 10.76 -20.47
C ALA A 45 3.29 9.90 -19.22
N LEU A 46 2.79 10.47 -18.12
CA LEU A 46 2.59 9.70 -16.89
C LEU A 46 1.57 8.58 -17.12
N VAL A 47 0.44 8.92 -17.74
CA VAL A 47 -0.58 7.92 -18.05
C VAL A 47 0.04 6.79 -18.87
N GLU A 48 0.77 7.14 -19.93
CA GLU A 48 1.31 6.12 -20.82
C GLU A 48 2.28 5.21 -20.09
N LYS A 49 3.16 5.80 -19.27
CA LYS A 49 4.11 5.01 -18.49
C LYS A 49 3.39 4.05 -17.53
N ALA A 50 2.33 4.53 -16.88
CA ALA A 50 1.60 3.69 -15.94
C ALA A 50 0.90 2.54 -16.67
N VAL A 51 0.28 2.84 -17.81
CA VAL A 51 -0.43 1.81 -18.56
C VAL A 51 0.53 0.74 -19.05
N ARG A 52 1.70 1.15 -19.57
CA ARG A 52 2.69 0.16 -19.99
C ARG A 52 3.14 -0.69 -18.82
N GLY A 53 3.39 -0.07 -17.67
CA GLY A 53 3.79 -0.83 -16.50
C GLY A 53 2.72 -1.79 -16.02
N LEU A 54 1.48 -1.31 -15.95
CA LEU A 54 0.41 -2.18 -15.48
C LEU A 54 0.11 -3.29 -16.48
N ARG A 55 0.29 -3.02 -17.77
CA ARG A 55 0.13 -4.10 -18.75
C ARG A 55 1.19 -5.17 -18.56
N ARG A 56 2.44 -4.77 -18.30
CA ARG A 56 3.48 -5.76 -18.06
C ARG A 56 3.22 -6.53 -16.77
N ALA A 57 2.69 -5.85 -15.74
CA ALA A 57 2.31 -6.56 -14.52
C ALA A 57 1.19 -7.56 -14.79
N ARG A 58 0.21 -7.18 -15.61
CA ARG A 58 -0.89 -8.08 -15.92
C ARG A 58 -0.40 -9.30 -16.68
N ALA A 59 0.55 -9.10 -17.60
CA ALA A 59 1.11 -10.24 -18.33
C ALA A 59 1.82 -11.21 -17.39
N ALA A 60 2.40 -10.69 -16.30
CA ALA A 60 3.06 -11.50 -15.29
C ALA A 60 2.09 -12.14 -14.31
N GLY A 61 0.81 -11.81 -14.39
CA GLY A 61 -0.22 -12.46 -13.58
C GLY A 61 -0.98 -11.54 -12.64
N VAL A 62 -0.59 -10.28 -12.49
CA VAL A 62 -1.31 -9.37 -11.59
C VAL A 62 -2.68 -9.07 -12.17
N ARG A 63 -3.70 -9.05 -11.31
CA ARG A 63 -5.05 -8.70 -11.74
C ARG A 63 -5.59 -7.46 -11.06
N THR A 64 -5.09 -7.12 -9.87
CA THR A 64 -5.56 -6.00 -9.07
C THR A 64 -4.37 -5.38 -8.37
N ILE A 65 -4.33 -4.04 -8.30
CA ILE A 65 -3.43 -3.39 -7.37
C ILE A 65 -4.26 -2.54 -6.42
N VAL A 66 -3.77 -2.40 -5.20
CA VAL A 66 -4.32 -1.47 -4.24
C VAL A 66 -3.44 -0.24 -4.26
N ASP A 67 -3.96 0.87 -4.78
CA ASP A 67 -3.23 2.13 -4.78
C ASP A 67 -3.47 2.80 -3.44
N VAL A 68 -2.45 2.81 -2.58
CA VAL A 68 -2.63 3.32 -1.23
C VAL A 68 -2.25 4.79 -1.15
N SER A 69 -2.39 5.50 -2.27
CA SER A 69 -2.25 6.95 -2.26
C SER A 69 -3.45 7.62 -1.60
N THR A 70 -3.17 8.43 -0.59
CA THR A 70 -4.18 9.22 0.09
C THR A 70 -4.35 10.59 -0.58
N PHE A 71 -5.29 11.37 -0.05
CA PHE A 71 -5.40 12.79 -0.37
C PHE A 71 -4.04 13.48 -0.45
N ASP A 72 -3.21 13.31 0.58
CA ASP A 72 -1.96 14.06 0.66
C ASP A 72 -0.80 13.40 -0.09
N ILE A 73 -1.00 12.21 -0.66
CA ILE A 73 -0.11 11.70 -1.70
C ILE A 73 -0.54 12.19 -3.08
N GLY A 74 -1.57 13.04 -3.13
CA GLY A 74 -2.02 13.57 -4.41
C GLY A 74 -2.76 12.56 -5.25
N ARG A 75 -3.39 11.58 -4.60
CA ARG A 75 -4.26 10.61 -5.26
C ARG A 75 -5.22 11.32 -6.22
N ASP A 76 -5.22 10.88 -7.47
CA ASP A 76 -6.10 11.42 -8.51
C ASP A 76 -6.90 10.24 -9.04
N VAL A 77 -8.12 10.04 -8.51
CA VAL A 77 -8.84 8.82 -8.85
C VAL A 77 -9.26 8.82 -10.31
N SER A 78 -9.41 9.99 -10.92
N SER A 78 -9.41 10.00 -10.93
CA SER A 78 -9.68 10.02 -12.37
CA SER A 78 -9.68 10.05 -12.36
C SER A 78 -8.50 9.46 -13.15
C SER A 78 -8.50 9.48 -13.15
N LEU A 79 -7.28 9.77 -12.70
CA LEU A 79 -6.09 9.18 -13.32
C LEU A 79 -6.07 7.66 -13.12
N LEU A 80 -6.35 7.22 -11.90
CA LEU A 80 -6.40 5.79 -11.61
C LEU A 80 -7.43 5.08 -12.50
N ALA A 81 -8.60 5.69 -12.67
CA ALA A 81 -9.63 5.05 -13.50
C ALA A 81 -9.18 4.94 -14.94
N GLU A 82 -8.55 6.00 -15.47
CA GLU A 82 -8.08 5.97 -16.85
C GLU A 82 -7.04 4.88 -17.05
N VAL A 83 -6.09 4.78 -16.12
CA VAL A 83 -5.03 3.77 -16.25
C VAL A 83 -5.62 2.38 -16.06
N SER A 84 -6.57 2.24 -15.13
CA SER A 84 -7.17 0.92 -14.88
C SER A 84 -7.93 0.42 -16.11
N ARG A 85 -8.71 1.30 -16.75
CA ARG A 85 -9.40 0.94 -17.98
C ARG A 85 -8.41 0.51 -19.06
N ALA A 86 -7.38 1.31 -19.29
CA ALA A 86 -6.48 1.06 -20.41
C ALA A 86 -5.65 -0.19 -20.22
N ALA A 87 -5.29 -0.52 -18.97
CA ALA A 87 -4.42 -1.66 -18.72
C ALA A 87 -5.16 -2.93 -18.36
N ASP A 88 -6.48 -2.87 -18.15
CA ASP A 88 -7.29 -4.01 -17.72
C ASP A 88 -6.75 -4.61 -16.43
N VAL A 89 -6.45 -3.73 -15.47
CA VAL A 89 -6.02 -4.13 -14.12
C VAL A 89 -6.91 -3.36 -13.14
N HIS A 90 -7.58 -4.10 -12.25
CA HIS A 90 -8.41 -3.44 -11.23
C HIS A 90 -7.53 -2.57 -10.33
N ILE A 91 -8.04 -1.41 -9.93
CA ILE A 91 -7.33 -0.56 -8.97
C ILE A 91 -8.27 -0.21 -7.83
N VAL A 92 -7.87 -0.58 -6.60
CA VAL A 92 -8.57 -0.16 -5.39
C VAL A 92 -7.97 1.16 -4.93
N ALA A 93 -8.81 2.16 -4.69
CA ALA A 93 -8.36 3.46 -4.20
C ALA A 93 -8.43 3.54 -2.68
N ALA A 94 -7.70 4.50 -2.12
CA ALA A 94 -7.59 4.64 -0.67
C ALA A 94 -8.15 5.98 -0.20
N THR A 95 -8.62 5.99 1.06
CA THR A 95 -8.79 7.21 1.81
C THR A 95 -7.75 7.20 2.93
N GLY A 96 -7.90 8.11 3.89
CA GLY A 96 -6.94 8.24 4.98
C GLY A 96 -6.00 9.40 4.77
N LEU A 97 -4.94 9.43 5.58
CA LEU A 97 -3.90 10.45 5.46
C LEU A 97 -2.54 9.83 5.72
N TRP A 98 -1.56 10.29 4.93
CA TRP A 98 -0.20 9.82 4.98
C TRP A 98 0.61 10.83 5.79
N GLU A 99 1.89 11.01 5.50
CA GLU A 99 2.76 11.78 6.39
C GLU A 99 2.86 13.25 6.02
N ASP A 100 2.07 13.72 5.04
CA ASP A 100 2.15 15.13 4.59
C ASP A 100 0.80 15.83 4.56
N PRO A 101 -0.01 15.72 5.62
CA PRO A 101 -1.30 16.43 5.61
C PRO A 101 -1.11 17.93 5.66
N PRO A 102 -1.91 18.68 4.93
CA PRO A 102 -1.86 20.14 5.01
C PRO A 102 -2.60 20.63 6.26
N LEU A 103 -2.47 21.93 6.49
CA LEU A 103 -3.08 22.56 7.66
C LEU A 103 -4.58 22.28 7.74
N SER A 104 -5.27 22.27 6.59
CA SER A 104 -6.71 22.09 6.60
C SER A 104 -7.11 20.70 7.10
N MET A 105 -6.20 19.73 7.01
CA MET A 105 -6.40 18.43 7.64
C MET A 105 -5.83 18.39 9.06
N ARG A 106 -4.63 18.94 9.27
CA ARG A 106 -3.94 18.83 10.56
C ARG A 106 -4.69 19.49 11.71
N LEU A 107 -5.59 20.44 11.42
CA LEU A 107 -6.32 21.15 12.45
C LEU A 107 -7.63 20.47 12.81
N ARG A 108 -7.95 19.33 12.21
CA ARG A 108 -9.26 18.71 12.36
C ARG A 108 -9.32 17.78 13.57
N SER A 109 -10.53 17.60 14.09
CA SER A 109 -10.80 16.71 15.21
C SER A 109 -10.93 15.27 14.72
N VAL A 110 -10.92 14.34 15.68
CA VAL A 110 -11.14 12.93 15.34
C VAL A 110 -12.50 12.73 14.69
N GLU A 111 -13.52 13.50 15.14
CA GLU A 111 -14.84 13.35 14.54
C GLU A 111 -14.86 13.88 13.11
N GLU A 112 -14.26 15.05 12.88
CA GLU A 112 -14.18 15.61 11.54
C GLU A 112 -13.46 14.67 10.60
N LEU A 113 -12.31 14.14 11.02
CA LEU A 113 -11.54 13.21 10.18
C LEU A 113 -12.37 11.98 9.84
N THR A 114 -13.10 11.45 10.82
CA THR A 114 -13.95 10.29 10.57
C THR A 114 -14.99 10.61 9.50
N GLN A 115 -15.60 11.81 9.58
CA GLN A 115 -16.53 12.21 8.53
C GLN A 115 -15.86 12.23 7.16
N PHE A 116 -14.63 12.76 7.08
CA PHE A 116 -13.95 12.81 5.80
C PHE A 116 -13.62 11.43 5.27
N PHE A 117 -13.11 10.53 6.12
CA PHE A 117 -12.82 9.17 5.66
C PHE A 117 -14.09 8.46 5.23
N LEU A 118 -15.17 8.60 6.02
CA LEU A 118 -16.43 7.98 5.64
C LEU A 118 -16.96 8.56 4.32
N ARG A 119 -16.76 9.86 4.09
CA ARG A 119 -17.19 10.45 2.82
C ARG A 119 -16.57 9.70 1.66
N GLU A 120 -15.27 9.46 1.73
CA GLU A 120 -14.56 8.85 0.62
C GLU A 120 -14.87 7.37 0.47
N ILE A 121 -15.27 6.71 1.56
CA ILE A 121 -15.64 5.29 1.49
C ILE A 121 -17.09 5.11 1.05
N GLN A 122 -18.00 5.91 1.60
CA GLN A 122 -19.44 5.66 1.51
C GLN A 122 -20.12 6.47 0.42
N TYR A 123 -19.58 7.62 0.07
CA TYR A 123 -20.22 8.53 -0.88
C TYR A 123 -19.40 8.63 -2.16
N GLY A 124 -18.17 9.08 -2.04
CA GLY A 124 -17.29 9.16 -3.18
C GLY A 124 -16.16 10.12 -2.92
N ILE A 125 -15.14 10.02 -3.78
CA ILE A 125 -13.96 10.85 -3.72
C ILE A 125 -14.19 12.05 -4.63
N GLU A 126 -14.06 13.25 -4.07
N GLU A 126 -14.06 13.25 -4.07
CA GLU A 126 -14.31 14.50 -4.80
CA GLU A 126 -14.32 14.52 -4.79
C GLU A 126 -15.71 14.42 -5.41
C GLU A 126 -15.71 14.42 -5.41
N ASP A 127 -15.88 14.73 -6.69
CA ASP A 127 -17.17 14.65 -7.36
C ASP A 127 -17.25 13.45 -8.30
N THR A 128 -16.41 12.43 -8.08
CA THR A 128 -16.26 11.36 -9.04
C THR A 128 -17.20 10.18 -8.79
N GLY A 129 -17.76 10.06 -7.59
CA GLY A 129 -18.52 8.87 -7.25
C GLY A 129 -17.68 7.64 -7.01
N ILE A 130 -16.36 7.73 -7.17
CA ILE A 130 -15.47 6.60 -6.95
C ILE A 130 -15.21 6.47 -5.46
N ARG A 131 -15.42 5.27 -4.91
CA ARG A 131 -15.33 5.06 -3.47
C ARG A 131 -14.06 4.30 -3.12
N ALA A 132 -13.44 4.70 -2.01
CA ALA A 132 -12.26 4.02 -1.52
C ALA A 132 -12.60 2.63 -0.98
N GLY A 133 -11.69 1.69 -1.21
CA GLY A 133 -11.78 0.34 -0.66
C GLY A 133 -10.79 0.04 0.44
N ILE A 134 -10.03 1.03 0.91
CA ILE A 134 -9.05 0.84 1.98
C ILE A 134 -8.78 2.19 2.61
N ILE A 135 -8.36 2.18 3.87
CA ILE A 135 -7.97 3.39 4.61
C ILE A 135 -6.48 3.32 4.89
N LYS A 136 -5.73 4.35 4.49
CA LYS A 136 -4.29 4.40 4.66
C LYS A 136 -3.93 5.42 5.75
N VAL A 137 -3.03 5.03 6.67
CA VAL A 137 -2.57 5.93 7.73
C VAL A 137 -1.04 5.84 7.85
N ALA A 138 -0.45 6.71 8.67
CA ALA A 138 1.01 6.79 8.72
C ALA A 138 1.51 7.33 10.06
N THR A 139 2.62 6.75 10.53
CA THR A 139 3.49 7.34 11.53
C THR A 139 4.93 7.17 11.06
N ASN A 140 5.83 7.99 11.60
CA ASN A 140 7.28 7.83 11.41
C ASN A 140 7.92 7.97 12.78
N GLY A 141 7.92 6.88 13.54
CA GLY A 141 8.26 6.97 14.94
C GLY A 141 7.01 7.27 15.76
N LYS A 142 7.22 7.74 16.98
CA LYS A 142 6.11 8.05 17.88
C LYS A 142 5.10 8.94 17.17
N ALA A 143 3.82 8.59 17.30
CA ALA A 143 2.77 9.32 16.59
C ALA A 143 2.73 10.76 17.09
N THR A 144 2.59 11.70 16.14
CA THR A 144 2.26 13.06 16.52
C THR A 144 0.85 13.09 17.09
N PRO A 145 0.49 14.15 17.83
CA PRO A 145 -0.90 14.23 18.31
C PRO A 145 -1.91 14.12 17.19
N PHE A 146 -1.64 14.75 16.05
CA PHE A 146 -2.58 14.64 14.94
C PHE A 146 -2.64 13.22 14.40
N GLN A 147 -1.49 12.55 14.28
CA GLN A 147 -1.50 11.18 13.78
C GLN A 147 -2.30 10.25 14.69
N GLU A 148 -2.27 10.48 16.01
CA GLU A 148 -3.14 9.71 16.88
C GLU A 148 -4.61 9.89 16.48
N LEU A 149 -5.02 11.12 16.17
CA LEU A 149 -6.39 11.33 15.73
C LEU A 149 -6.67 10.61 14.42
N VAL A 150 -5.71 10.62 13.49
CA VAL A 150 -5.92 9.95 12.21
C VAL A 150 -6.11 8.46 12.41
N LEU A 151 -5.27 7.86 13.24
CA LEU A 151 -5.39 6.43 13.50
C LEU A 151 -6.74 6.09 14.13
N ARG A 152 -7.21 6.93 15.06
CA ARG A 152 -8.50 6.68 15.69
C ARG A 152 -9.63 6.85 14.68
N ALA A 153 -9.57 7.91 13.87
CA ALA A 153 -10.58 8.13 12.84
C ALA A 153 -10.61 6.99 11.82
N ALA A 154 -9.43 6.49 11.44
CA ALA A 154 -9.39 5.32 10.55
C ALA A 154 -10.09 4.12 11.18
N ALA A 155 -9.84 3.88 12.47
CA ALA A 155 -10.51 2.78 13.16
C ALA A 155 -12.03 2.98 13.14
N ARG A 156 -12.49 4.19 13.44
CA ARG A 156 -13.93 4.45 13.45
C ARG A 156 -14.54 4.25 12.07
N ALA A 157 -13.87 4.74 11.02
CA ALA A 157 -14.37 4.53 9.67
C ALA A 157 -14.40 3.05 9.31
N SER A 158 -13.38 2.31 9.74
CA SER A 158 -13.37 0.87 9.44
C SER A 158 -14.48 0.16 10.21
N LEU A 159 -14.68 0.53 11.48
CA LEU A 159 -15.73 -0.09 12.29
C LEU A 159 -17.12 0.18 11.70
N ALA A 160 -17.30 1.31 11.02
CA ALA A 160 -18.61 1.61 10.45
C ALA A 160 -18.84 0.90 9.11
N THR A 161 -17.78 0.58 8.36
CA THR A 161 -17.92 0.15 6.97
C THR A 161 -17.38 -1.25 6.69
N GLY A 162 -16.51 -1.78 7.54
CA GLY A 162 -15.85 -3.04 7.26
C GLY A 162 -14.63 -2.94 6.37
N VAL A 163 -14.33 -1.75 5.88
CA VAL A 163 -13.17 -1.54 5.01
C VAL A 163 -11.89 -1.62 5.83
N PRO A 164 -10.83 -2.25 5.33
CA PRO A 164 -9.61 -2.44 6.13
C PRO A 164 -8.75 -1.19 6.20
N VAL A 165 -7.81 -1.23 7.14
CA VAL A 165 -6.83 -0.17 7.36
C VAL A 165 -5.44 -0.72 7.01
N THR A 166 -4.62 0.10 6.37
CA THR A 166 -3.24 -0.28 6.06
C THR A 166 -2.34 0.87 6.46
N THR A 167 -1.15 0.57 6.98
CA THR A 167 -0.35 1.61 7.61
C THR A 167 1.03 1.75 6.97
N HIS A 168 1.53 2.97 7.06
CA HIS A 168 2.93 3.30 6.84
C HIS A 168 3.59 3.36 8.21
N THR A 169 4.78 2.74 8.33
CA THR A 169 5.55 2.78 9.56
C THR A 169 6.98 3.19 9.25
N LEU A 170 7.66 3.69 10.29
CA LEU A 170 9.11 3.66 10.35
C LEU A 170 9.44 2.38 11.11
N ALA A 171 9.73 1.31 10.37
CA ALA A 171 9.73 -0.02 10.97
C ALA A 171 10.83 -0.14 12.02
N SER A 172 11.94 0.56 11.83
CA SER A 172 13.05 0.52 12.79
C SER A 172 12.63 1.04 14.17
N GLN A 173 11.56 1.85 14.24
CA GLN A 173 11.05 2.36 15.50
C GLN A 173 9.89 1.54 16.03
N ARG A 174 9.57 0.41 15.37
CA ARG A 174 8.53 -0.51 15.83
C ARG A 174 7.18 0.19 15.95
N ASP A 175 6.86 1.06 14.99
CA ASP A 175 5.64 1.86 15.07
C ASP A 175 4.39 1.00 15.16
N GLY A 176 4.41 -0.20 14.57
CA GLY A 176 3.24 -1.05 14.61
C GLY A 176 2.74 -1.28 16.03
N GLU A 177 3.64 -1.26 17.01
CA GLU A 177 3.20 -1.48 18.39
C GLU A 177 2.27 -0.36 18.87
N GLN A 178 2.66 0.90 18.63
CA GLN A 178 1.78 1.99 19.03
C GLN A 178 0.53 2.05 18.15
N GLN A 179 0.67 1.77 16.86
CA GLN A 179 -0.49 1.80 15.98
C GLN A 179 -1.52 0.79 16.46
N ALA A 180 -1.06 -0.43 16.75
CA ALA A 180 -1.95 -1.46 17.30
C ALA A 180 -2.63 -1.00 18.57
N ALA A 181 -1.86 -0.38 19.49
CA ALA A 181 -2.42 0.06 20.76
C ALA A 181 -3.55 1.05 20.53
N ILE A 182 -3.36 2.00 19.62
CA ILE A 182 -4.39 2.99 19.36
C ILE A 182 -5.60 2.34 18.67
N PHE A 183 -5.35 1.53 17.64
CA PHE A 183 -6.45 0.84 16.96
C PHE A 183 -7.27 0.03 17.95
N GLU A 184 -6.60 -0.72 18.83
CA GLU A 184 -7.33 -1.58 19.76
C GLU A 184 -8.08 -0.76 20.80
N SER A 185 -7.58 0.43 21.14
CA SER A 185 -8.28 1.28 22.09
C SER A 185 -9.62 1.75 21.52
N GLU A 186 -9.74 1.82 20.20
CA GLU A 186 -11.00 2.14 19.53
C GLU A 186 -11.84 0.89 19.23
N GLY A 187 -11.36 -0.30 19.58
CA GLY A 187 -12.12 -1.50 19.36
C GLY A 187 -11.99 -2.15 18.00
N LEU A 188 -10.97 -1.78 17.22
CA LEU A 188 -10.79 -2.33 15.88
C LEU A 188 -10.16 -3.72 15.95
N SER A 189 -10.68 -4.65 15.16
CA SER A 189 -10.09 -6.00 15.07
C SER A 189 -8.75 -5.95 14.34
N PRO A 190 -7.68 -6.53 14.88
CA PRO A 190 -6.41 -6.63 14.14
C PRO A 190 -6.55 -7.29 12.78
N SER A 191 -7.55 -8.17 12.60
CA SER A 191 -7.75 -8.80 11.30
C SER A 191 -8.13 -7.81 10.22
N ARG A 192 -8.46 -6.57 10.58
CA ARG A 192 -8.80 -5.54 9.62
C ARG A 192 -7.65 -4.58 9.35
N VAL A 193 -6.44 -4.90 9.82
CA VAL A 193 -5.31 -3.98 9.80
C VAL A 193 -4.08 -4.66 9.22
N CYS A 194 -3.42 -3.99 8.28
CA CYS A 194 -2.12 -4.41 7.79
C CYS A 194 -1.09 -3.39 8.24
N ILE A 195 -0.06 -3.84 8.99
CA ILE A 195 1.05 -2.98 9.38
C ILE A 195 2.08 -3.02 8.27
N GLY A 196 2.21 -1.91 7.53
CA GLY A 196 3.00 -1.89 6.33
C GLY A 196 4.45 -1.45 6.55
N HIS A 197 5.22 -1.52 5.45
CA HIS A 197 6.67 -1.32 5.44
C HIS A 197 7.37 -2.21 6.45
N SER A 198 6.74 -3.34 6.79
CA SER A 198 7.31 -4.22 7.79
C SER A 198 8.51 -4.99 7.26
N ASP A 199 8.72 -5.02 5.94
CA ASP A 199 9.95 -5.62 5.43
C ASP A 199 11.15 -4.69 5.58
N ASP A 200 10.96 -3.48 6.11
CA ASP A 200 12.10 -2.59 6.35
C ASP A 200 12.92 -3.00 7.56
N THR A 201 12.46 -3.95 8.36
CA THR A 201 13.13 -4.37 9.57
C THR A 201 13.41 -5.87 9.52
N ASP A 202 14.46 -6.29 10.23
CA ASP A 202 14.74 -7.71 10.41
C ASP A 202 14.31 -8.22 11.78
N ASP A 203 13.64 -7.39 12.57
CA ASP A 203 13.32 -7.71 13.96
C ASP A 203 12.14 -8.67 14.01
N LEU A 204 12.44 -9.97 14.15
CA LEU A 204 11.40 -11.00 14.21
C LEU A 204 10.56 -10.89 15.47
N SER A 205 11.12 -10.37 16.57
N SER A 205 11.13 -10.40 16.58
CA SER A 205 10.33 -10.22 17.79
CA SER A 205 10.30 -10.24 17.77
C SER A 205 9.24 -9.19 17.62
C SER A 205 9.19 -9.23 17.53
N TYR A 206 9.54 -8.11 16.88
CA TYR A 206 8.53 -7.11 16.55
C TYR A 206 7.48 -7.68 15.60
N LEU A 207 7.94 -8.32 14.51
CA LEU A 207 7.01 -8.81 13.50
C LEU A 207 6.11 -9.90 14.07
N THR A 208 6.66 -10.83 14.85
CA THR A 208 5.79 -11.88 15.37
C THR A 208 4.90 -11.36 16.49
N ALA A 209 5.32 -10.31 17.21
CA ALA A 209 4.43 -9.75 18.22
C ALA A 209 3.18 -9.16 17.58
N LEU A 210 3.33 -8.55 16.40
CA LEU A 210 2.15 -8.07 15.68
C LEU A 210 1.31 -9.22 15.15
N ALA A 211 1.95 -10.18 14.49
CA ALA A 211 1.21 -11.29 13.88
C ALA A 211 0.52 -12.13 14.93
N ALA A 212 1.13 -12.29 16.11
CA ALA A 212 0.51 -13.12 17.14
C ALA A 212 -0.84 -12.57 17.57
N ARG A 213 -1.00 -11.24 17.61
CA ARG A 213 -2.29 -10.69 18.03
C ARG A 213 -3.27 -10.55 16.88
N GLY A 214 -2.88 -10.94 15.67
CA GLY A 214 -3.80 -11.07 14.57
C GLY A 214 -3.61 -10.09 13.43
N TYR A 215 -2.60 -9.22 13.49
CA TYR A 215 -2.38 -8.23 12.44
C TYR A 215 -1.86 -8.87 11.15
N LEU A 216 -2.24 -8.29 10.03
CA LEU A 216 -1.60 -8.64 8.77
C LEU A 216 -0.30 -7.86 8.64
N ILE A 217 0.71 -8.50 8.05
CA ILE A 217 2.05 -7.95 7.99
C ILE A 217 2.35 -7.57 6.54
N GLY A 218 2.57 -6.28 6.30
CA GLY A 218 2.80 -5.79 4.96
C GLY A 218 4.27 -5.82 4.59
N LEU A 219 4.68 -6.85 3.85
CA LEU A 219 6.05 -6.96 3.33
C LEU A 219 5.99 -6.37 1.93
N ASP A 220 6.04 -5.04 1.86
CA ASP A 220 5.48 -4.35 0.71
C ASP A 220 6.51 -3.53 -0.08
N GLY A 221 7.78 -3.61 0.26
CA GLY A 221 8.80 -2.88 -0.47
C GLY A 221 9.93 -3.77 -0.95
N ILE A 222 9.61 -4.98 -1.40
CA ILE A 222 10.64 -6.00 -1.65
C ILE A 222 11.73 -5.52 -2.60
N PRO A 223 11.44 -4.82 -3.70
CA PRO A 223 12.53 -4.37 -4.58
C PRO A 223 13.20 -3.08 -4.15
N HIS A 224 12.83 -2.49 -3.02
CA HIS A 224 13.46 -1.25 -2.56
C HIS A 224 14.84 -1.55 -2.02
N SER A 225 15.87 -1.22 -2.78
CA SER A 225 17.23 -1.39 -2.27
C SER A 225 18.17 -0.50 -3.04
N ALA A 226 19.11 0.11 -2.32
CA ALA A 226 20.16 0.93 -2.92
C ALA A 226 21.49 0.20 -3.00
N ILE A 227 21.52 -1.12 -2.80
CA ILE A 227 22.77 -1.86 -2.97
C ILE A 227 23.23 -1.71 -4.42
N GLY A 228 24.54 -1.50 -4.60
CA GLY A 228 25.06 -1.31 -5.93
C GLY A 228 24.88 0.06 -6.51
N LEU A 229 24.06 0.91 -5.88
CA LEU A 229 24.07 2.33 -6.20
C LEU A 229 25.27 2.96 -5.51
N GLU A 230 26.21 3.46 -6.30
CA GLU A 230 27.44 4.04 -5.76
C GLU A 230 27.18 5.50 -5.37
N ASP A 231 27.33 5.80 -4.08
CA ASP A 231 27.42 7.18 -3.58
C ASP A 231 26.20 8.02 -3.98
N ASN A 232 25.01 7.47 -3.83
CA ASN A 232 23.76 8.21 -3.98
C ASN A 232 23.11 8.28 -2.61
N ALA A 233 23.32 9.40 -1.91
CA ALA A 233 22.85 9.53 -0.54
C ALA A 233 21.33 9.52 -0.47
N SER A 234 20.66 10.22 -1.41
CA SER A 234 19.21 10.33 -1.33
C SER A 234 18.55 8.99 -1.63
N ALA A 235 19.10 8.24 -2.59
CA ALA A 235 18.55 6.92 -2.88
C ALA A 235 18.80 5.95 -1.73
N SER A 236 19.98 6.03 -1.10
CA SER A 236 20.25 5.16 0.05
C SER A 236 19.34 5.48 1.22
N ALA A 237 19.06 6.77 1.46
CA ALA A 237 18.17 7.13 2.55
C ALA A 237 16.76 6.59 2.32
N LEU A 238 16.31 6.63 1.07
CA LEU A 238 14.95 6.17 0.73
C LEU A 238 14.84 4.65 0.74
N LEU A 239 15.78 3.98 0.09
CA LEU A 239 15.61 2.56 -0.26
C LEU A 239 16.29 1.61 0.72
N GLY A 240 17.23 2.08 1.52
CA GLY A 240 17.96 1.21 2.42
C GLY A 240 19.01 0.40 1.68
N ASN A 241 19.85 -0.28 2.45
CA ASN A 241 20.95 -1.05 1.89
C ASN A 241 20.82 -2.53 2.20
N ARG A 242 19.62 -2.99 2.54
CA ARG A 242 19.31 -4.42 2.60
C ARG A 242 18.86 -4.87 1.22
N SER A 243 19.25 -6.10 0.85
CA SER A 243 18.94 -6.59 -0.49
C SER A 243 17.47 -6.98 -0.61
N TRP A 244 17.00 -7.05 -1.86
CA TRP A 244 15.65 -7.55 -2.09
C TRP A 244 15.52 -9.00 -1.65
N GLN A 245 16.60 -9.79 -1.75
CA GLN A 245 16.55 -11.16 -1.24
C GLN A 245 16.34 -11.19 0.27
N THR A 246 17.04 -10.31 1.00
CA THR A 246 16.86 -10.24 2.44
C THR A 246 15.42 -9.88 2.80
N ARG A 247 14.84 -8.91 2.08
CA ARG A 247 13.43 -8.57 2.32
C ARG A 247 12.51 -9.74 2.01
N ALA A 248 12.75 -10.41 0.87
CA ALA A 248 11.88 -11.50 0.44
C ALA A 248 11.94 -12.67 1.40
N LEU A 249 13.10 -12.93 2.00
CA LEU A 249 13.20 -14.04 2.94
C LEU A 249 12.35 -13.84 4.18
N LEU A 250 11.94 -12.60 4.47
CA LEU A 250 10.99 -12.40 5.57
C LEU A 250 9.64 -13.04 5.27
N ILE A 251 9.28 -13.14 3.99
CA ILE A 251 8.06 -13.87 3.62
C ILE A 251 8.20 -15.32 4.06
N LYS A 252 9.30 -15.95 3.70
CA LYS A 252 9.55 -17.32 4.14
C LYS A 252 9.61 -17.41 5.67
N ALA A 253 10.26 -16.44 6.32
CA ALA A 253 10.35 -16.48 7.79
C ALA A 253 8.97 -16.54 8.43
N LEU A 254 8.05 -15.69 7.98
CA LEU A 254 6.72 -15.68 8.58
C LEU A 254 5.94 -16.93 8.22
N ILE A 255 6.09 -17.45 7.00
CA ILE A 255 5.49 -18.74 6.65
C ILE A 255 5.96 -19.81 7.64
N ASP A 256 7.27 -19.86 7.89
CA ASP A 256 7.84 -20.89 8.74
C ASP A 256 7.40 -20.76 10.19
N GLN A 257 6.88 -19.60 10.58
CA GLN A 257 6.38 -19.41 11.94
C GLN A 257 4.88 -19.61 12.06
N GLY A 258 4.20 -19.98 10.96
CA GLY A 258 2.78 -20.26 11.00
C GLY A 258 1.88 -19.11 10.59
N TYR A 259 2.42 -18.07 9.98
CA TYR A 259 1.64 -16.87 9.70
C TYR A 259 1.35 -16.70 8.21
N MET A 260 1.31 -17.79 7.43
CA MET A 260 1.15 -17.62 5.98
C MET A 260 -0.14 -16.88 5.62
N LYS A 261 -1.20 -17.03 6.43
CA LYS A 261 -2.47 -16.38 6.11
C LYS A 261 -2.47 -14.90 6.46
N GLN A 262 -1.41 -14.38 7.08
CA GLN A 262 -1.37 -12.99 7.53
C GLN A 262 -0.34 -12.16 6.78
N ILE A 263 0.25 -12.71 5.73
CA ILE A 263 1.30 -12.03 4.97
C ILE A 263 0.67 -11.36 3.76
N LEU A 264 0.98 -10.08 3.55
CA LEU A 264 0.64 -9.37 2.33
C LEU A 264 1.92 -8.85 1.68
N VAL A 265 2.09 -9.09 0.38
CA VAL A 265 3.33 -8.81 -0.34
C VAL A 265 3.08 -7.78 -1.43
N SER A 266 4.01 -6.85 -1.62
CA SER A 266 3.84 -5.86 -2.68
C SER A 266 5.21 -5.27 -3.02
N ASN A 267 5.24 -4.40 -4.04
CA ASN A 267 6.45 -3.71 -4.48
C ASN A 267 6.60 -2.32 -3.91
N ASP A 268 5.48 -1.67 -3.54
CA ASP A 268 5.47 -0.24 -3.26
C ASP A 268 6.15 0.52 -4.40
N TRP A 269 5.74 0.19 -5.62
CA TRP A 269 6.25 0.88 -6.79
C TRP A 269 5.36 2.07 -7.14
N LEU A 270 5.86 2.87 -8.09
CA LEU A 270 5.20 4.07 -8.55
C LEU A 270 5.61 4.29 -10.01
N PHE A 271 4.84 5.11 -10.72
CA PHE A 271 5.20 5.52 -12.07
C PHE A 271 5.59 6.98 -12.15
N GLY A 272 5.28 7.75 -11.11
CA GLY A 272 5.79 9.10 -10.94
C GLY A 272 5.99 9.32 -9.46
N PHE A 273 6.89 10.24 -9.11
CA PHE A 273 7.32 10.37 -7.71
C PHE A 273 7.83 11.80 -7.48
N SER A 274 6.91 12.73 -7.22
CA SER A 274 7.27 14.13 -7.04
C SER A 274 7.55 14.49 -5.58
N SER A 275 7.15 13.66 -4.62
CA SER A 275 7.34 13.99 -3.22
C SER A 275 8.72 13.63 -2.70
N TYR A 276 9.68 13.35 -3.58
CA TYR A 276 11.06 13.11 -3.16
C TYR A 276 11.97 13.89 -4.11
N VAL A 277 13.26 13.53 -4.16
CA VAL A 277 14.20 14.28 -4.96
C VAL A 277 13.91 14.11 -6.44
N THR A 278 14.27 15.12 -7.23
CA THR A 278 14.09 15.06 -8.67
C THR A 278 14.85 13.86 -9.25
N ASN A 279 14.24 13.22 -10.24
CA ASN A 279 14.80 12.07 -10.96
C ASN A 279 14.89 10.81 -10.11
N ILE A 280 14.28 10.77 -8.92
CA ILE A 280 14.28 9.52 -8.14
C ILE A 280 13.59 8.40 -8.91
N MET A 281 12.57 8.73 -9.72
CA MET A 281 11.90 7.67 -10.48
C MET A 281 12.88 6.99 -11.44
N ASP A 282 13.76 7.78 -12.07
CA ASP A 282 14.77 7.20 -12.96
C ASP A 282 15.70 6.26 -12.19
N VAL A 283 16.15 6.69 -11.00
CA VAL A 283 17.00 5.85 -10.18
C VAL A 283 16.28 4.56 -9.82
N MET A 284 15.02 4.68 -9.39
CA MET A 284 14.28 3.49 -8.98
C MET A 284 14.06 2.54 -10.15
N ASP A 285 13.76 3.08 -11.34
CA ASP A 285 13.53 2.21 -12.49
C ASP A 285 14.82 1.51 -12.92
N SER A 286 15.98 2.13 -12.69
CA SER A 286 17.25 1.45 -12.96
C SER A 286 17.47 0.30 -11.99
N VAL A 287 17.07 0.48 -10.73
CA VAL A 287 17.22 -0.58 -9.74
C VAL A 287 16.31 -1.76 -10.08
N ASN A 288 15.06 -1.47 -10.45
CA ASN A 288 14.05 -2.50 -10.66
C ASN A 288 13.30 -2.21 -11.95
N PRO A 289 13.87 -2.63 -13.09
CA PRO A 289 13.18 -2.43 -14.38
C PRO A 289 11.87 -3.18 -14.48
N ASP A 290 11.64 -4.21 -13.65
CA ASP A 290 10.39 -4.93 -13.69
C ASP A 290 9.24 -4.16 -13.05
N GLY A 291 9.54 -3.13 -12.26
CA GLY A 291 8.49 -2.33 -11.67
C GLY A 291 7.55 -3.19 -10.85
N MET A 292 6.25 -3.05 -11.11
CA MET A 292 5.27 -3.80 -10.32
C MET A 292 5.26 -5.28 -10.66
N ALA A 293 5.86 -5.66 -11.77
CA ALA A 293 5.97 -7.08 -12.10
C ALA A 293 7.06 -7.79 -11.30
N PHE A 294 7.80 -7.06 -10.45
CA PHE A 294 8.91 -7.65 -9.72
C PHE A 294 8.44 -8.79 -8.80
N ILE A 295 7.30 -8.61 -8.11
CA ILE A 295 6.84 -9.67 -7.22
C ILE A 295 6.60 -10.97 -8.00
N PRO A 296 5.77 -11.00 -9.04
CA PRO A 296 5.55 -12.30 -9.72
C PRO A 296 6.74 -12.78 -10.53
N LEU A 297 7.52 -11.88 -11.14
CA LEU A 297 8.59 -12.35 -12.02
C LEU A 297 9.83 -12.76 -11.26
N ARG A 298 10.09 -12.17 -10.10
N ARG A 298 10.10 -12.16 -10.10
CA ARG A 298 11.34 -12.42 -9.40
CA ARG A 298 11.34 -12.43 -9.39
C ARG A 298 11.15 -12.98 -7.99
C ARG A 298 11.15 -12.98 -7.99
N VAL A 299 10.21 -12.44 -7.21
CA VAL A 299 10.08 -12.88 -5.82
C VAL A 299 9.45 -14.26 -5.73
N ILE A 300 8.38 -14.49 -6.50
CA ILE A 300 7.73 -15.81 -6.47
C ILE A 300 8.69 -16.92 -6.87
N PRO A 301 9.40 -16.85 -8.01
CA PRO A 301 10.37 -17.91 -8.31
C PRO A 301 11.47 -18.04 -7.28
N PHE A 302 11.92 -16.93 -6.69
CA PHE A 302 12.94 -16.98 -5.64
C PHE A 302 12.45 -17.79 -4.45
N LEU A 303 11.22 -17.53 -4.01
CA LEU A 303 10.69 -18.27 -2.86
C LEU A 303 10.43 -19.73 -3.22
N ARG A 304 10.02 -20.02 -4.45
CA ARG A 304 9.88 -21.42 -4.84
C ARG A 304 11.22 -22.14 -4.77
N GLU A 305 12.28 -21.49 -5.26
CA GLU A 305 13.61 -22.10 -5.18
C GLU A 305 14.03 -22.35 -3.74
N LYS A 306 13.62 -21.47 -2.82
CA LYS A 306 13.92 -21.65 -1.40
C LYS A 306 12.95 -22.59 -0.70
N GLY A 307 12.09 -23.30 -1.44
CA GLY A 307 11.28 -24.34 -0.86
C GLY A 307 9.85 -23.98 -0.52
N VAL A 308 9.41 -22.75 -0.80
CA VAL A 308 8.01 -22.42 -0.59
C VAL A 308 7.18 -23.00 -1.73
N SER A 309 6.04 -23.59 -1.39
CA SER A 309 5.22 -24.24 -2.39
C SER A 309 4.43 -23.22 -3.20
N ASN A 310 4.02 -23.66 -4.40
CA ASN A 310 3.15 -22.85 -5.24
C ASN A 310 1.83 -22.55 -4.53
N GLU A 311 1.26 -23.56 -3.85
CA GLU A 311 -0.03 -23.37 -3.19
C GLU A 311 0.07 -22.29 -2.11
N THR A 312 1.14 -22.31 -1.32
CA THR A 312 1.30 -21.32 -0.27
C THR A 312 1.43 -19.92 -0.85
N LEU A 313 2.19 -19.78 -1.94
CA LEU A 313 2.35 -18.47 -2.58
C LEU A 313 1.06 -18.00 -3.22
N ALA A 314 0.26 -18.92 -3.75
CA ALA A 314 -1.06 -18.55 -4.24
C ALA A 314 -1.96 -18.06 -3.11
N GLY A 315 -1.88 -18.70 -1.95
CA GLY A 315 -2.65 -18.24 -0.81
C GLY A 315 -2.25 -16.83 -0.40
N ILE A 316 -0.95 -16.54 -0.46
CA ILE A 316 -0.46 -15.23 -0.03
C ILE A 316 -0.86 -14.14 -1.02
N THR A 317 -0.82 -14.43 -2.32
CA THR A 317 -1.05 -13.41 -3.34
C THR A 317 -2.49 -13.32 -3.81
N VAL A 318 -3.32 -14.34 -3.57
CA VAL A 318 -4.71 -14.31 -3.99
C VAL A 318 -5.64 -14.36 -2.78
N THR A 319 -5.51 -15.38 -1.94
CA THR A 319 -6.46 -15.58 -0.85
C THR A 319 -6.35 -14.48 0.21
N ASN A 320 -5.13 -14.19 0.67
CA ASN A 320 -4.98 -13.18 1.73
C ASN A 320 -5.48 -11.82 1.31
N PRO A 321 -5.15 -11.29 0.12
CA PRO A 321 -5.69 -9.96 -0.23
C PRO A 321 -7.21 -9.94 -0.31
N ALA A 322 -7.82 -11.00 -0.83
CA ALA A 322 -9.28 -11.03 -0.90
C ALA A 322 -9.90 -11.06 0.49
N ARG A 323 -9.33 -11.83 1.41
CA ARG A 323 -9.85 -11.85 2.77
C ARG A 323 -9.69 -10.50 3.44
N PHE A 324 -8.56 -9.83 3.17
CA PHE A 324 -8.28 -8.53 3.75
C PHE A 324 -9.21 -7.47 3.20
N LEU A 325 -9.39 -7.43 1.88
CA LEU A 325 -10.13 -6.34 1.23
C LEU A 325 -11.64 -6.50 1.37
N SER A 326 -12.14 -7.73 1.43
N SER A 326 -12.14 -7.73 1.43
CA SER A 326 -13.58 -7.96 1.56
CA SER A 326 -13.58 -7.92 1.50
C SER A 326 -14.12 -7.25 2.79
C SER A 326 -14.14 -7.28 2.76
N PRO A 327 -15.07 -6.33 2.66
CA PRO A 327 -15.55 -5.60 3.84
C PRO A 327 -16.18 -6.52 4.87
N THR A 328 -15.78 -6.34 6.12
CA THR A 328 -16.26 -7.11 7.27
C THR A 328 -15.69 -6.49 8.54
N LEU A 329 -16.33 -6.76 9.66
CA LEU A 329 -15.80 -6.30 10.94
C LEU A 329 -14.76 -7.24 11.53
N ARG A 330 -14.79 -8.53 11.15
CA ARG A 330 -13.86 -9.52 11.73
C ARG A 330 -13.60 -10.57 10.65
N ALA A 331 -12.42 -10.50 10.04
CA ALA A 331 -12.07 -11.42 8.95
C ALA A 331 -11.26 -12.61 9.46
C1 EDO B . -26.12 14.40 -3.51
O1 EDO B . -26.71 15.42 -4.33
C2 EDO B . -26.01 13.10 -4.28
O2 EDO B . -24.86 13.16 -5.15
C FMT C . 2.04 4.61 2.02
O1 FMT C . 2.82 4.31 2.92
O2 FMT C . 2.31 4.70 0.82
ZN ZN D . 3.44 3.56 -0.38
ZN ZN E . 4.75 4.54 3.16
CAC E8N F . 2.98 -25.06 1.70
CAB E8N F . 5.57 -26.13 2.48
CAA E8N F . 4.75 -26.63 5.14
CAD E8N F . 5.20 -25.22 4.77
CAF E8N F . 3.34 -25.21 3.16
CAE E8N F . 3.44 -23.68 1.22
CAH E8N F . 4.93 -23.54 1.39
CAG E8N F . 5.28 -23.70 2.84
CAI E8N F . 4.84 -25.06 3.31
P1 GB G . 5.82 5.46 0.56
O1 GB G . 7.23 5.65 0.19
O2 GB G . 5.21 4.15 0.16
C1 GB G . 5.03 6.60 -0.59
O3 GB G . 5.40 6.00 1.86
C1 GOL H . -21.47 11.99 -6.33
O1 GOL H . -21.15 10.86 -7.10
C2 GOL H . -20.14 12.68 -6.06
O2 GOL H . -20.28 14.01 -5.75
C3 GOL H . -19.47 11.88 -4.91
O3 GOL H . -18.13 11.71 -5.29
C1 GOL I . -7.44 15.08 -8.02
O1 GOL I . -8.39 15.95 -8.55
C2 GOL I . -6.11 15.90 -7.86
O2 GOL I . -6.31 17.25 -7.55
C3 GOL I . -5.25 15.10 -6.82
O3 GOL I . -4.80 15.95 -5.78
S SO4 J . 20.21 -9.54 -8.29
O1 SO4 J . 19.88 -10.96 -8.48
O2 SO4 J . 20.71 -9.34 -6.93
O3 SO4 J . 21.26 -9.16 -9.24
O4 SO4 J . 19.02 -8.74 -8.54
S SO4 K . -8.67 -18.76 4.34
O1 SO4 K . -8.89 -19.15 5.73
O2 SO4 K . -9.40 -19.65 3.44
O3 SO4 K . -9.14 -17.39 4.14
O4 SO4 K . -7.25 -18.83 4.04
#